data_8OMK
#
_entry.id   8OMK
#
_cell.length_a   82.809
_cell.length_b   85.818
_cell.length_c   137.240
_cell.angle_alpha   90.00
_cell.angle_beta   90.00
_cell.angle_gamma   90.00
#
_symmetry.space_group_name_H-M   'P 21 21 21'
#
loop_
_entity.id
_entity.type
_entity.pdbx_description
1 polymer Ketohexokinase
2 non-polymer 1-O-phosphono-beta-D-fructofuranose
3 non-polymer "ADENOSINE-5'-DIPHOSPHATE"
4 non-polymer 'SULFATE ION'
5 water water
#
_entity_poly.entity_id   1
_entity_poly.type   'polypeptide(L)'
_entity_poly.pdbx_seq_one_letter_code
;MGSSHHHHHHSSGLVPRGSQILCVGLVVLDVISLVDKYPKEDSEIRCLSQRWQRGGNASNSCTVLSLLGAPCAFMGSMAP
GHVADFLVADFRRRGVDVSQVAWQSKGDTPSSCCIINNSNGNRTIVLHDTSLPDVSATDFEKVDLTQFKWIHIEGRNASE
QVKMLQRIDAHNTRQPPEQKIRVSVEVEKPREELFQLFGYGDVVFVSKDVAKHLGFQSAEEALRGLYGRVRKGAVLVCAW
AEEGADALGPDGKLLHSDAFPPPRVVDTLGAGDTFNASVIFSLSQGRSVQEALRFGCQVAGKKCGLQGFDGIV
;
_entity_poly.pdbx_strand_id   A,B
#
loop_
_chem_comp.id
_chem_comp.type
_chem_comp.name
_chem_comp.formula
ADP non-polymer ADENOSINE-5'-DIPHOSPHATE 'C10 H15 N5 O10 P2'
F1X D-saccharide, beta linking 1-O-phosphono-beta-D-fructofuranose 'C6 H13 O9 P'
SO4 non-polymer 'SULFATE ION' 'O4 S -2'
#
# COMPACT_ATOMS: atom_id res chain seq x y z
N PRO A 16 -31.01 -17.37 16.28
CA PRO A 16 -29.91 -18.02 15.55
C PRO A 16 -30.35 -18.87 14.36
N ARG A 17 -31.34 -19.77 14.55
CA ARG A 17 -31.80 -20.67 13.47
C ARG A 17 -32.35 -19.90 12.26
N GLY A 18 -31.67 -20.03 11.12
CA GLY A 18 -32.06 -19.35 9.89
C GLY A 18 -32.09 -17.85 10.01
N SER A 19 -31.10 -17.26 10.72
CA SER A 19 -31.02 -15.81 10.92
C SER A 19 -29.92 -15.14 10.11
N GLN A 20 -28.80 -15.83 9.83
CA GLN A 20 -27.66 -15.25 9.15
C GLN A 20 -27.59 -15.45 7.64
N ILE A 21 -26.84 -14.55 6.97
CA ILE A 21 -26.49 -14.59 5.56
C ILE A 21 -24.97 -14.85 5.57
N LEU A 22 -24.52 -15.97 5.00
CA LEU A 22 -23.10 -16.35 4.95
C LEU A 22 -22.54 -15.98 3.59
N CYS A 23 -21.35 -15.38 3.55
CA CYS A 23 -20.67 -15.08 2.28
C CYS A 23 -19.35 -15.83 2.31
N VAL A 24 -19.16 -16.78 1.38
CA VAL A 24 -17.93 -17.56 1.28
C VAL A 24 -17.09 -16.96 0.17
N GLY A 25 -15.84 -16.61 0.48
CA GLY A 25 -14.94 -16.05 -0.52
C GLY A 25 -13.64 -15.47 0.03
N LEU A 26 -13.11 -14.48 -0.68
CA LEU A 26 -11.83 -13.83 -0.39
C LEU A 26 -11.94 -12.62 0.54
N VAL A 27 -10.90 -12.38 1.37
CA VAL A 27 -10.76 -11.19 2.22
C VAL A 27 -9.35 -10.64 1.95
N VAL A 28 -9.26 -9.43 1.40
CA VAL A 28 -8.02 -8.78 0.98
C VAL A 28 -7.85 -7.47 1.73
N LEU A 29 -6.60 -7.09 2.06
CA LEU A 29 -6.32 -5.78 2.62
C LEU A 29 -6.11 -4.86 1.43
N ASP A 30 -7.01 -3.89 1.23
CA ASP A 30 -6.87 -2.94 0.11
C ASP A 30 -6.11 -1.70 0.57
N VAL A 31 -4.89 -1.48 0.04
CA VAL A 31 -4.08 -0.29 0.32
C VAL A 31 -4.49 0.68 -0.78
N ILE A 32 -5.34 1.65 -0.42
CA ILE A 32 -5.96 2.57 -1.35
C ILE A 32 -5.20 3.87 -1.46
N SER A 33 -5.08 4.37 -2.69
CA SER A 33 -4.57 5.70 -3.01
C SER A 33 -5.63 6.39 -3.84
N LEU A 34 -6.02 7.62 -3.47
CA LEU A 34 -7.01 8.38 -4.23
C LEU A 34 -6.23 9.39 -5.06
N VAL A 35 -6.40 9.38 -6.39
CA VAL A 35 -5.65 10.29 -7.29
C VAL A 35 -6.58 11.19 -8.08
N ASP A 36 -6.06 12.36 -8.52
CA ASP A 36 -6.76 13.35 -9.37
C ASP A 36 -7.07 12.70 -10.72
N LYS A 37 -6.04 12.05 -11.30
CA LYS A 37 -6.13 11.34 -12.57
C LYS A 37 -5.27 10.08 -12.51
N TYR A 38 -5.61 9.08 -13.34
CA TYR A 38 -4.87 7.81 -13.38
C TYR A 38 -3.46 8.05 -13.95
N PRO A 39 -2.39 7.51 -13.31
CA PRO A 39 -1.04 7.81 -13.80
C PRO A 39 -0.68 7.18 -15.15
N LYS A 40 0.10 7.91 -15.94
CA LYS A 40 0.62 7.41 -17.21
C LYS A 40 1.79 6.48 -16.82
N GLU A 41 2.01 5.37 -17.55
CA GLU A 41 3.11 4.47 -17.25
C GLU A 41 4.44 5.24 -17.22
N ASP A 42 5.29 4.91 -16.25
CA ASP A 42 6.60 5.54 -16.05
C ASP A 42 6.51 6.98 -15.48
N SER A 43 5.34 7.41 -14.96
CA SER A 43 5.17 8.75 -14.39
C SER A 43 5.18 8.71 -12.85
N GLU A 44 5.32 9.89 -12.25
CA GLU A 44 5.37 10.06 -10.80
C GLU A 44 4.30 11.09 -10.41
N ILE A 45 3.22 10.63 -9.74
CA ILE A 45 2.13 11.50 -9.28
C ILE A 45 1.98 11.44 -7.76
N ARG A 46 1.38 12.46 -7.18
CA ARG A 46 1.13 12.53 -5.73
C ARG A 46 -0.35 12.25 -5.54
N CYS A 47 -0.69 11.27 -4.69
CA CYS A 47 -2.08 10.97 -4.41
C CYS A 47 -2.67 12.06 -3.50
N LEU A 48 -3.99 12.18 -3.54
CA LEU A 48 -4.73 13.15 -2.74
C LEU A 48 -4.78 12.66 -1.30
N SER A 49 -5.10 11.38 -1.12
CA SER A 49 -5.20 10.74 0.18
C SER A 49 -4.91 9.26 0.04
N GLN A 50 -4.88 8.62 1.22
CA GLN A 50 -4.72 7.18 1.30
C GLN A 50 -5.42 6.58 2.51
N ARG A 51 -5.78 5.30 2.39
CA ARG A 51 -6.49 4.58 3.44
C ARG A 51 -6.36 3.08 3.25
N TRP A 52 -6.67 2.34 4.31
CA TRP A 52 -6.70 0.89 4.29
C TRP A 52 -8.16 0.50 4.38
N GLN A 53 -8.57 -0.48 3.59
CA GLN A 53 -9.93 -1.00 3.64
C GLN A 53 -9.86 -2.48 3.66
N ARG A 54 -10.86 -3.10 4.29
CA ARG A 54 -11.02 -4.54 4.27
C ARG A 54 -11.78 -4.81 2.94
N GLY A 55 -11.10 -5.43 1.99
CA GLY A 55 -11.62 -5.76 0.67
C GLY A 55 -11.95 -7.22 0.51
N GLY A 56 -12.05 -7.67 -0.73
CA GLY A 56 -12.42 -9.03 -1.08
C GLY A 56 -13.89 -9.02 -1.43
N ASN A 57 -14.32 -9.74 -2.46
CA ASN A 57 -15.72 -9.66 -2.90
C ASN A 57 -16.69 -10.09 -1.80
N ALA A 58 -16.51 -11.30 -1.28
CA ALA A 58 -17.35 -11.81 -0.19
C ALA A 58 -17.23 -10.94 1.06
N SER A 59 -16.02 -10.48 1.37
CA SER A 59 -15.78 -9.59 2.52
C SER A 59 -16.49 -8.22 2.34
N ASN A 60 -16.42 -7.63 1.13
CA ASN A 60 -17.12 -6.37 0.83
C ASN A 60 -18.62 -6.54 0.97
N SER A 61 -19.17 -7.66 0.48
CA SER A 61 -20.61 -7.95 0.60
C SER A 61 -21.04 -8.08 2.08
N CYS A 62 -20.17 -8.59 2.97
CA CYS A 62 -20.49 -8.68 4.40
C CYS A 62 -20.63 -7.30 5.04
N THR A 63 -19.72 -6.37 4.69
CA THR A 63 -19.76 -4.96 5.14
C THR A 63 -21.10 -4.36 4.81
N VAL A 64 -21.53 -4.55 3.57
CA VAL A 64 -22.79 -3.98 3.07
C VAL A 64 -24.00 -4.64 3.75
N LEU A 65 -24.00 -5.98 3.89
CA LEU A 65 -25.08 -6.71 4.56
C LEU A 65 -25.27 -6.23 6.02
N SER A 66 -24.16 -5.93 6.74
CA SER A 66 -24.26 -5.42 8.11
C SER A 66 -24.88 -4.04 8.16
N LEU A 67 -24.43 -3.15 7.26
CA LEU A 67 -24.97 -1.79 7.15
C LEU A 67 -26.46 -1.79 6.78
N LEU A 68 -26.92 -2.81 6.04
CA LEU A 68 -28.32 -2.97 5.69
C LEU A 68 -29.18 -3.54 6.85
N GLY A 69 -28.54 -3.95 7.94
CA GLY A 69 -29.21 -4.47 9.12
C GLY A 69 -29.38 -5.98 9.13
N ALA A 70 -28.61 -6.71 8.29
CA ALA A 70 -28.71 -8.15 8.21
C ALA A 70 -27.65 -8.81 9.09
N PRO A 71 -28.00 -9.80 9.94
CA PRO A 71 -26.94 -10.52 10.66
C PRO A 71 -26.17 -11.33 9.62
N CYS A 72 -24.86 -11.16 9.53
CA CYS A 72 -24.11 -11.87 8.51
C CYS A 72 -22.81 -12.43 9.04
N ALA A 73 -22.31 -13.45 8.34
CA ALA A 73 -21.09 -14.16 8.67
C ALA A 73 -20.19 -14.26 7.44
N PHE A 74 -18.87 -14.28 7.67
CA PHE A 74 -17.89 -14.40 6.60
C PHE A 74 -17.16 -15.71 6.73
N MET A 75 -16.86 -16.35 5.59
CA MET A 75 -16.04 -17.55 5.55
C MET A 75 -15.00 -17.38 4.45
N GLY A 76 -13.76 -17.46 4.84
CA GLY A 76 -12.64 -17.34 3.91
C GLY A 76 -11.38 -17.76 4.61
N SER A 77 -10.31 -17.92 3.86
CA SER A 77 -9.02 -18.32 4.43
C SER A 77 -8.25 -17.10 4.92
N MET A 78 -7.62 -17.20 6.10
CA MET A 78 -6.81 -16.12 6.66
C MET A 78 -5.63 -16.77 7.36
N ALA A 79 -4.49 -16.08 7.39
CA ALA A 79 -3.29 -16.60 8.05
C ALA A 79 -3.08 -15.74 9.28
N PRO A 80 -2.72 -16.31 10.45
CA PRO A 80 -2.46 -15.46 11.62
C PRO A 80 -1.39 -14.39 11.35
N GLY A 81 -1.61 -13.18 11.85
CA GLY A 81 -0.70 -12.06 11.66
C GLY A 81 -1.36 -10.71 11.82
N HIS A 82 -0.57 -9.64 11.68
CA HIS A 82 -1.05 -8.26 11.85
C HIS A 82 -2.03 -7.82 10.78
N VAL A 83 -1.93 -8.36 9.55
CA VAL A 83 -2.85 -8.03 8.47
C VAL A 83 -4.22 -8.63 8.83
N ALA A 84 -4.25 -9.92 9.20
CA ALA A 84 -5.47 -10.60 9.62
C ALA A 84 -6.10 -9.92 10.83
N ASP A 85 -5.28 -9.50 11.82
CA ASP A 85 -5.77 -8.81 13.02
C ASP A 85 -6.52 -7.52 12.63
N PHE A 86 -5.98 -6.75 11.67
CA PHE A 86 -6.64 -5.51 11.20
C PHE A 86 -7.99 -5.82 10.57
N LEU A 87 -8.03 -6.84 9.70
CA LEU A 87 -9.23 -7.25 8.98
C LEU A 87 -10.28 -7.83 9.95
N VAL A 88 -9.85 -8.64 10.94
CA VAL A 88 -10.73 -9.20 11.97
C VAL A 88 -11.36 -8.06 12.78
N ALA A 89 -10.53 -7.09 13.23
CA ALA A 89 -11.01 -5.95 14.00
C ALA A 89 -12.00 -5.11 13.19
N ASP A 90 -11.78 -5.04 11.86
CA ASP A 90 -12.70 -4.34 10.95
C ASP A 90 -14.00 -5.14 10.82
N PHE A 91 -13.93 -6.49 10.67
CA PHE A 91 -15.14 -7.32 10.62
C PHE A 91 -15.96 -7.11 11.90
N ARG A 92 -15.30 -7.03 13.08
CA ARG A 92 -15.98 -6.77 14.36
C ARG A 92 -16.51 -5.31 14.44
N ARG A 93 -15.80 -4.31 13.88
CA ARG A 93 -16.25 -2.91 13.81
C ARG A 93 -17.50 -2.78 12.89
N ARG A 94 -17.62 -3.67 11.88
CA ARG A 94 -18.76 -3.71 10.96
C ARG A 94 -19.77 -4.80 11.37
N GLY A 95 -19.74 -5.26 12.62
CA GLY A 95 -20.66 -6.27 13.11
C GLY A 95 -20.68 -7.62 12.40
N VAL A 96 -19.63 -7.98 11.65
CA VAL A 96 -19.58 -9.23 10.90
C VAL A 96 -19.05 -10.33 11.78
N ASP A 97 -19.68 -11.49 11.67
CA ASP A 97 -19.33 -12.69 12.43
C ASP A 97 -18.17 -13.40 11.70
N VAL A 98 -17.04 -13.64 12.40
CA VAL A 98 -15.84 -14.27 11.82
C VAL A 98 -15.54 -15.67 12.41
N SER A 99 -16.52 -16.27 13.13
CA SER A 99 -16.34 -17.60 13.73
C SER A 99 -16.11 -18.73 12.71
N GLN A 100 -16.53 -18.54 11.45
CA GLN A 100 -16.37 -19.53 10.39
C GLN A 100 -15.08 -19.35 9.56
N VAL A 101 -14.17 -18.40 9.93
CA VAL A 101 -12.91 -18.21 9.18
C VAL A 101 -12.07 -19.50 9.20
N ALA A 102 -11.46 -19.83 8.05
CA ALA A 102 -10.61 -21.01 7.92
C ALA A 102 -9.17 -20.59 8.15
N TRP A 103 -8.68 -20.67 9.38
CA TRP A 103 -7.31 -20.24 9.71
C TRP A 103 -6.25 -21.17 9.11
N GLN A 104 -5.30 -20.59 8.33
CA GLN A 104 -4.25 -21.32 7.59
C GLN A 104 -2.88 -21.24 8.26
N SER A 105 -2.14 -22.38 8.26
CA SER A 105 -0.79 -22.47 8.85
C SER A 105 0.31 -21.90 7.94
N LYS A 106 0.08 -21.81 6.62
CA LYS A 106 1.07 -21.29 5.66
C LYS A 106 0.43 -20.30 4.67
N GLY A 107 1.27 -19.39 4.14
CA GLY A 107 0.85 -18.35 3.22
C GLY A 107 0.53 -17.04 3.92
N ASP A 108 0.66 -15.91 3.20
CA ASP A 108 0.36 -14.57 3.73
C ASP A 108 -1.08 -14.20 3.42
N THR A 109 -1.65 -13.24 4.15
CA THR A 109 -3.02 -12.78 3.88
C THR A 109 -2.97 -11.94 2.59
N PRO A 110 -3.95 -12.05 1.66
CA PRO A 110 -3.85 -11.26 0.43
C PRO A 110 -3.95 -9.76 0.67
N SER A 111 -3.31 -9.00 -0.19
CA SER A 111 -3.33 -7.55 -0.15
C SER A 111 -3.35 -7.03 -1.56
N SER A 112 -3.61 -5.75 -1.74
CA SER A 112 -3.63 -5.15 -3.05
C SER A 112 -3.35 -3.68 -2.97
N CYS A 113 -2.95 -3.11 -4.11
CA CYS A 113 -2.76 -1.69 -4.27
C CYS A 113 -3.92 -1.25 -5.13
N CYS A 114 -4.78 -0.37 -4.59
CA CYS A 114 -5.93 0.12 -5.31
C CYS A 114 -5.72 1.59 -5.63
N ILE A 115 -5.76 1.94 -6.92
CA ILE A 115 -5.64 3.33 -7.36
C ILE A 115 -7.05 3.77 -7.73
N ILE A 116 -7.65 4.67 -6.94
CA ILE A 116 -9.00 5.18 -7.18
C ILE A 116 -8.86 6.55 -7.85
N ASN A 117 -9.51 6.73 -8.99
CA ASN A 117 -9.46 7.99 -9.71
C ASN A 117 -10.62 8.84 -9.20
N ASN A 118 -10.34 9.98 -8.54
CA ASN A 118 -11.37 10.85 -7.97
C ASN A 118 -12.20 11.56 -9.05
N SER A 119 -11.63 11.79 -10.25
CA SER A 119 -12.36 12.47 -11.32
C SER A 119 -13.51 11.66 -11.92
N ASN A 120 -13.42 10.32 -11.93
CA ASN A 120 -14.49 9.46 -12.47
C ASN A 120 -14.81 8.18 -11.66
N GLY A 121 -14.19 8.01 -10.49
CA GLY A 121 -14.41 6.85 -9.65
C GLY A 121 -13.86 5.52 -10.15
N ASN A 122 -13.01 5.51 -11.21
CA ASN A 122 -12.45 4.25 -11.69
C ASN A 122 -11.48 3.70 -10.65
N ARG A 123 -11.42 2.38 -10.52
CA ARG A 123 -10.56 1.70 -9.56
C ARG A 123 -9.71 0.67 -10.29
N THR A 124 -8.41 0.85 -10.22
CA THR A 124 -7.45 -0.06 -10.83
C THR A 124 -6.79 -0.81 -9.69
N ILE A 125 -6.90 -2.14 -9.67
CA ILE A 125 -6.38 -2.96 -8.58
C ILE A 125 -5.22 -3.83 -9.05
N VAL A 126 -4.13 -3.84 -8.27
CA VAL A 126 -2.98 -4.70 -8.48
C VAL A 126 -3.05 -5.65 -7.29
N LEU A 127 -3.59 -6.86 -7.51
CA LEU A 127 -3.82 -7.83 -6.45
C LEU A 127 -2.62 -8.73 -6.15
N HIS A 128 -2.23 -8.82 -4.87
CA HIS A 128 -1.19 -9.73 -4.43
C HIS A 128 -1.89 -10.96 -3.89
N ASP A 129 -2.08 -11.94 -4.78
CA ASP A 129 -2.73 -13.20 -4.44
C ASP A 129 -1.64 -14.17 -4.01
N THR A 130 -1.62 -14.42 -2.71
CA THR A 130 -0.61 -15.17 -1.99
C THR A 130 -0.68 -16.70 -2.19
N SER A 131 0.15 -17.44 -1.44
CA SER A 131 0.16 -18.90 -1.46
C SER A 131 -0.87 -19.44 -0.44
N LEU A 132 -1.92 -18.64 -0.11
CA LEU A 132 -2.91 -19.01 0.89
C LEU A 132 -3.89 -20.02 0.31
N PRO A 133 -4.05 -21.22 0.92
CA PRO A 133 -5.02 -22.19 0.37
C PRO A 133 -6.47 -21.71 0.52
N ASP A 134 -7.33 -22.07 -0.44
CA ASP A 134 -8.73 -21.68 -0.42
C ASP A 134 -9.55 -22.56 0.52
N VAL A 135 -10.78 -22.12 0.84
CA VAL A 135 -11.67 -22.88 1.71
C VAL A 135 -12.02 -24.18 0.96
N SER A 136 -11.83 -25.34 1.60
CA SER A 136 -12.08 -26.64 0.97
C SER A 136 -13.45 -27.19 1.33
N ALA A 137 -13.90 -28.21 0.60
CA ALA A 137 -15.16 -28.89 0.86
C ALA A 137 -15.13 -29.49 2.26
N THR A 138 -13.94 -29.96 2.70
CA THR A 138 -13.70 -30.51 4.04
C THR A 138 -13.93 -29.42 5.09
N ASP A 139 -13.36 -28.23 4.87
CA ASP A 139 -13.52 -27.11 5.80
C ASP A 139 -15.01 -26.74 5.90
N PHE A 140 -15.72 -26.71 4.76
CA PHE A 140 -17.15 -26.39 4.71
C PHE A 140 -18.03 -27.47 5.35
N GLU A 141 -17.62 -28.74 5.24
CA GLU A 141 -18.33 -29.89 5.79
C GLU A 141 -18.43 -29.87 7.33
N LYS A 142 -17.51 -29.16 8.00
CA LYS A 142 -17.49 -29.01 9.46
C LYS A 142 -18.43 -27.91 9.97
N VAL A 143 -19.15 -27.19 9.08
CA VAL A 143 -20.01 -26.07 9.45
C VAL A 143 -21.46 -26.46 9.65
N ASP A 144 -22.03 -26.11 10.83
CA ASP A 144 -23.44 -26.34 11.09
C ASP A 144 -24.15 -25.26 10.30
N LEU A 145 -24.93 -25.67 9.30
CA LEU A 145 -25.61 -24.78 8.38
C LEU A 145 -26.94 -24.22 8.92
N THR A 146 -27.45 -24.71 10.07
CA THR A 146 -28.75 -24.29 10.60
C THR A 146 -28.84 -22.79 10.96
N GLN A 147 -27.71 -22.12 11.22
CA GLN A 147 -27.72 -20.68 11.55
C GLN A 147 -28.09 -19.80 10.36
N PHE A 148 -27.82 -20.28 9.13
CA PHE A 148 -27.96 -19.49 7.91
C PHE A 148 -29.26 -19.66 7.17
N LYS A 149 -29.82 -18.54 6.69
CA LYS A 149 -31.03 -18.50 5.84
C LYS A 149 -30.62 -18.37 4.36
N TRP A 150 -29.40 -17.85 4.10
CA TRP A 150 -28.87 -17.62 2.76
C TRP A 150 -27.36 -17.87 2.77
N ILE A 151 -26.82 -18.55 1.74
CA ILE A 151 -25.38 -18.77 1.63
C ILE A 151 -24.94 -18.28 0.25
N HIS A 152 -24.10 -17.23 0.22
CA HIS A 152 -23.55 -16.68 -1.02
C HIS A 152 -22.12 -17.18 -1.21
N ILE A 153 -21.80 -17.76 -2.38
CA ILE A 153 -20.44 -18.25 -2.65
C ILE A 153 -19.80 -17.48 -3.79
N GLU A 154 -18.68 -16.79 -3.51
CA GLU A 154 -17.90 -16.10 -4.53
C GLU A 154 -17.11 -17.19 -5.26
N GLY A 155 -17.32 -17.31 -6.58
CA GLY A 155 -16.62 -18.30 -7.39
C GLY A 155 -15.12 -18.15 -7.35
N ARG A 156 -14.40 -19.23 -7.00
CA ARG A 156 -12.94 -19.19 -6.88
C ARG A 156 -12.33 -20.58 -7.18
N ASN A 157 -12.37 -21.54 -6.22
CA ASN A 157 -11.90 -22.93 -6.41
C ASN A 157 -13.15 -23.77 -6.70
N ALA A 158 -13.63 -23.71 -7.96
CA ALA A 158 -14.89 -24.30 -8.40
C ALA A 158 -15.11 -25.76 -8.04
N SER A 159 -14.12 -26.67 -8.26
CA SER A 159 -14.28 -28.09 -7.93
C SER A 159 -14.69 -28.29 -6.47
N GLU A 160 -14.00 -27.60 -5.56
CA GLU A 160 -14.28 -27.67 -4.13
C GLU A 160 -15.60 -27.02 -3.76
N GLN A 161 -15.94 -25.87 -4.38
CA GLN A 161 -17.19 -25.15 -4.12
C GLN A 161 -18.41 -25.92 -4.59
N VAL A 162 -18.28 -26.70 -5.69
CA VAL A 162 -19.37 -27.53 -6.20
C VAL A 162 -19.78 -28.54 -5.12
N LYS A 163 -18.80 -29.12 -4.38
CA LYS A 163 -19.07 -30.05 -3.29
C LYS A 163 -19.79 -29.33 -2.12
N MET A 164 -19.41 -28.05 -1.84
CA MET A 164 -20.05 -27.23 -0.80
C MET A 164 -21.52 -27.01 -1.21
N LEU A 165 -21.73 -26.65 -2.47
CA LEU A 165 -23.07 -26.42 -3.05
C LEU A 165 -23.89 -27.72 -3.03
N GLN A 166 -23.27 -28.87 -3.35
CA GLN A 166 -23.92 -30.19 -3.29
C GLN A 166 -24.35 -30.52 -1.84
N ARG A 167 -23.54 -30.12 -0.83
CA ARG A 167 -23.86 -30.33 0.59
C ARG A 167 -25.09 -29.50 0.99
N ILE A 168 -25.20 -28.24 0.51
CA ILE A 168 -26.36 -27.39 0.83
C ILE A 168 -27.63 -27.97 0.19
N ASP A 169 -27.51 -28.60 -1.00
CA ASP A 169 -28.66 -29.23 -1.65
C ASP A 169 -29.13 -30.43 -0.84
N ALA A 170 -28.16 -31.27 -0.39
CA ALA A 170 -28.47 -32.44 0.45
C ALA A 170 -29.18 -32.01 1.73
N HIS A 171 -28.71 -30.93 2.37
CA HIS A 171 -29.32 -30.36 3.56
C HIS A 171 -30.75 -29.89 3.27
N ASN A 172 -30.94 -29.13 2.18
CA ASN A 172 -32.25 -28.60 1.80
C ASN A 172 -33.29 -29.68 1.49
N THR A 173 -32.88 -30.82 0.92
CA THR A 173 -33.79 -31.93 0.62
C THR A 173 -34.49 -32.44 1.89
N ARG A 174 -33.79 -32.38 3.05
CA ARG A 174 -34.28 -32.84 4.35
C ARG A 174 -34.97 -31.72 5.18
N GLN A 175 -35.44 -30.62 4.56
CA GLN A 175 -36.08 -29.51 5.27
C GLN A 175 -37.37 -29.05 4.57
N PRO A 176 -38.38 -28.53 5.32
CA PRO A 176 -39.60 -28.03 4.67
C PRO A 176 -39.32 -26.69 3.99
N PRO A 177 -40.10 -26.26 2.97
CA PRO A 177 -39.82 -24.99 2.28
C PRO A 177 -39.44 -23.78 3.14
N GLU A 178 -40.10 -23.64 4.30
CA GLU A 178 -39.89 -22.53 5.26
C GLU A 178 -38.46 -22.46 5.77
N GLN A 179 -37.82 -23.62 6.03
CA GLN A 179 -36.47 -23.70 6.58
C GLN A 179 -35.37 -24.13 5.57
N LYS A 180 -35.63 -23.98 4.26
CA LYS A 180 -34.64 -24.26 3.21
C LYS A 180 -33.71 -23.05 3.10
N ILE A 181 -32.40 -23.31 2.95
CA ILE A 181 -31.37 -22.26 2.84
C ILE A 181 -31.27 -21.81 1.37
N ARG A 182 -31.57 -20.51 1.08
CA ARG A 182 -31.45 -19.99 -0.28
C ARG A 182 -29.97 -19.83 -0.63
N VAL A 183 -29.61 -20.01 -1.90
CA VAL A 183 -28.21 -20.00 -2.30
C VAL A 183 -27.94 -19.07 -3.47
N SER A 184 -26.80 -18.36 -3.45
CA SER A 184 -26.36 -17.51 -4.56
C SER A 184 -24.89 -17.76 -4.87
N VAL A 185 -24.52 -17.50 -6.12
CA VAL A 185 -23.17 -17.72 -6.61
C VAL A 185 -22.74 -16.53 -7.45
N GLU A 186 -21.44 -16.19 -7.43
CA GLU A 186 -20.89 -15.13 -8.27
C GLU A 186 -19.81 -15.71 -9.19
N VAL A 187 -19.91 -15.43 -10.50
CA VAL A 187 -18.91 -15.79 -11.50
C VAL A 187 -18.39 -14.42 -11.95
N GLU A 188 -17.28 -13.97 -11.35
CA GLU A 188 -16.71 -12.64 -11.60
C GLU A 188 -15.54 -12.60 -12.57
N LYS A 189 -14.73 -13.66 -12.61
CA LYS A 189 -13.53 -13.72 -13.45
C LYS A 189 -13.75 -14.64 -14.66
N PRO A 190 -13.28 -14.26 -15.87
CA PRO A 190 -13.51 -15.12 -17.05
C PRO A 190 -12.58 -16.35 -17.10
N ARG A 191 -12.86 -17.33 -16.21
CA ARG A 191 -12.12 -18.59 -16.12
C ARG A 191 -13.09 -19.74 -16.41
N GLU A 192 -12.69 -20.66 -17.33
CA GLU A 192 -13.52 -21.82 -17.73
C GLU A 192 -13.90 -22.71 -16.53
N GLU A 193 -12.98 -22.83 -15.54
CA GLU A 193 -13.17 -23.61 -14.31
C GLU A 193 -14.39 -23.13 -13.51
N LEU A 194 -14.61 -21.80 -13.45
CA LEU A 194 -15.74 -21.18 -12.75
C LEU A 194 -17.10 -21.35 -13.44
N PHE A 195 -17.15 -21.66 -14.75
CA PHE A 195 -18.43 -21.78 -15.46
C PHE A 195 -19.26 -22.99 -15.06
N GLN A 196 -18.67 -23.98 -14.36
CA GLN A 196 -19.45 -25.11 -13.86
C GLN A 196 -20.39 -24.65 -12.70
N LEU A 197 -20.07 -23.50 -12.05
CA LEU A 197 -20.87 -22.95 -10.96
C LEU A 197 -22.19 -22.32 -11.42
N PHE A 198 -22.39 -22.08 -12.75
CA PHE A 198 -23.65 -21.54 -13.27
C PHE A 198 -24.83 -22.47 -12.93
N GLY A 199 -24.58 -23.79 -12.98
CA GLY A 199 -25.59 -24.80 -12.68
C GLY A 199 -25.94 -25.00 -11.21
N TYR A 200 -25.52 -24.10 -10.30
CA TYR A 200 -25.81 -24.19 -8.88
C TYR A 200 -26.33 -22.86 -8.36
N GLY A 201 -27.12 -22.92 -7.30
CA GLY A 201 -27.70 -21.75 -6.66
C GLY A 201 -29.03 -21.30 -7.22
N ASP A 202 -29.82 -20.63 -6.37
CA ASP A 202 -31.11 -20.07 -6.72
C ASP A 202 -30.92 -18.75 -7.47
N VAL A 203 -29.84 -18.00 -7.15
CA VAL A 203 -29.52 -16.74 -7.82
C VAL A 203 -28.06 -16.82 -8.30
N VAL A 204 -27.81 -16.46 -9.55
CA VAL A 204 -26.47 -16.53 -10.14
C VAL A 204 -26.10 -15.14 -10.60
N PHE A 205 -25.03 -14.56 -10.06
CA PHE A 205 -24.55 -13.26 -10.48
C PHE A 205 -23.39 -13.50 -11.47
N VAL A 206 -23.48 -12.94 -12.68
CA VAL A 206 -22.43 -13.03 -13.71
C VAL A 206 -21.95 -11.60 -13.98
N SER A 207 -20.64 -11.38 -13.98
CA SER A 207 -20.11 -10.02 -14.17
C SER A 207 -20.10 -9.58 -15.63
N LYS A 208 -20.09 -8.27 -15.82
CA LYS A 208 -19.98 -7.62 -17.13
C LYS A 208 -18.69 -8.10 -17.82
N ASP A 209 -17.56 -8.18 -17.06
CA ASP A 209 -16.26 -8.62 -17.58
C ASP A 209 -16.33 -10.06 -18.12
N VAL A 210 -17.07 -10.95 -17.42
CA VAL A 210 -17.25 -12.33 -17.87
C VAL A 210 -18.10 -12.35 -19.14
N ALA A 211 -19.22 -11.64 -19.14
CA ALA A 211 -20.10 -11.56 -20.31
C ALA A 211 -19.38 -11.01 -21.54
N LYS A 212 -18.58 -9.94 -21.35
CA LYS A 212 -17.80 -9.35 -22.44
C LYS A 212 -16.80 -10.36 -23.00
N HIS A 213 -16.11 -11.11 -22.12
CA HIS A 213 -15.13 -12.14 -22.54
C HIS A 213 -15.79 -13.28 -23.33
N LEU A 214 -17.09 -13.56 -23.12
CA LEU A 214 -17.81 -14.59 -23.88
C LEU A 214 -18.48 -14.03 -25.16
N GLY A 215 -18.21 -12.76 -25.50
CA GLY A 215 -18.72 -12.12 -26.70
C GLY A 215 -20.05 -11.41 -26.58
N PHE A 216 -20.58 -11.24 -25.35
CA PHE A 216 -21.86 -10.55 -25.14
C PHE A 216 -21.60 -9.06 -24.93
N GLN A 217 -22.27 -8.19 -25.71
CA GLN A 217 -22.09 -6.75 -25.66
C GLN A 217 -23.11 -5.99 -24.78
N SER A 218 -23.99 -6.70 -24.06
CA SER A 218 -24.97 -6.05 -23.17
C SER A 218 -25.46 -7.05 -22.13
N ALA A 219 -26.13 -6.55 -21.08
CA ALA A 219 -26.68 -7.41 -20.03
C ALA A 219 -27.78 -8.30 -20.58
N GLU A 220 -28.58 -7.79 -21.54
CA GLU A 220 -29.66 -8.55 -22.20
C GLU A 220 -29.08 -9.72 -23.00
N GLU A 221 -28.04 -9.48 -23.81
CA GLU A 221 -27.40 -10.55 -24.60
C GLU A 221 -26.83 -11.62 -23.66
N ALA A 222 -26.13 -11.19 -22.61
CA ALA A 222 -25.51 -12.09 -21.62
C ALA A 222 -26.54 -13.02 -21.01
N LEU A 223 -27.65 -12.47 -20.50
CA LEU A 223 -28.70 -13.26 -19.85
C LEU A 223 -29.39 -14.24 -20.79
N ARG A 224 -29.72 -13.82 -22.02
CA ARG A 224 -30.34 -14.73 -22.99
C ARG A 224 -29.37 -15.81 -23.45
N GLY A 225 -28.09 -15.47 -23.56
CA GLY A 225 -27.05 -16.41 -23.99
C GLY A 225 -26.56 -17.37 -22.93
N LEU A 226 -26.67 -16.99 -21.64
CA LEU A 226 -26.18 -17.81 -20.52
C LEU A 226 -27.27 -18.51 -19.71
N TYR A 227 -28.57 -18.16 -19.87
CA TYR A 227 -29.63 -18.80 -19.08
C TYR A 227 -29.66 -20.32 -19.18
N GLY A 228 -29.28 -20.88 -20.34
CA GLY A 228 -29.22 -22.33 -20.53
C GLY A 228 -28.31 -23.06 -19.57
N ARG A 229 -27.30 -22.37 -19.00
CA ARG A 229 -26.34 -22.94 -18.04
C ARG A 229 -26.86 -23.01 -16.59
N VAL A 230 -27.88 -22.23 -16.21
CA VAL A 230 -28.39 -22.25 -14.82
C VAL A 230 -29.33 -23.42 -14.58
N ARG A 231 -29.54 -23.79 -13.30
CA ARG A 231 -30.44 -24.89 -12.95
C ARG A 231 -31.90 -24.45 -13.02
N LYS A 232 -32.81 -25.43 -13.18
CA LYS A 232 -34.24 -25.19 -13.31
C LYS A 232 -34.76 -24.33 -12.16
N GLY A 233 -35.44 -23.23 -12.50
CA GLY A 233 -36.01 -22.31 -11.52
C GLY A 233 -35.12 -21.18 -11.02
N ALA A 234 -33.81 -21.18 -11.37
CA ALA A 234 -32.89 -20.13 -10.90
C ALA A 234 -33.04 -18.79 -11.63
N VAL A 235 -32.51 -17.73 -11.00
CA VAL A 235 -32.53 -16.37 -11.53
C VAL A 235 -31.09 -15.98 -11.87
N LEU A 236 -30.83 -15.61 -13.14
CA LEU A 236 -29.50 -15.18 -13.57
C LEU A 236 -29.51 -13.65 -13.57
N VAL A 237 -28.55 -13.02 -12.89
CA VAL A 237 -28.45 -11.57 -12.75
C VAL A 237 -27.17 -11.07 -13.42
N CYS A 238 -27.25 -9.94 -14.13
CA CYS A 238 -26.09 -9.33 -14.77
C CYS A 238 -26.10 -7.82 -14.62
N ALA A 239 -25.21 -7.29 -13.78
CA ALA A 239 -25.04 -5.86 -13.57
C ALA A 239 -24.15 -5.32 -14.68
N TRP A 240 -24.41 -4.09 -15.13
CA TRP A 240 -23.65 -3.49 -16.22
C TRP A 240 -23.35 -2.01 -15.98
N ALA A 241 -22.68 -1.72 -14.86
CA ALA A 241 -22.21 -0.39 -14.47
C ALA A 241 -23.27 0.74 -14.66
N GLU A 242 -22.96 1.86 -15.35
CA GLU A 242 -23.89 2.96 -15.63
C GLU A 242 -25.18 2.54 -16.37
N GLU A 243 -25.20 1.35 -17.01
CA GLU A 243 -26.39 0.81 -17.68
C GLU A 243 -27.29 0.03 -16.72
N GLY A 244 -27.00 0.06 -15.41
CA GLY A 244 -27.83 -0.57 -14.40
C GLY A 244 -27.65 -2.06 -14.31
N ALA A 245 -28.76 -2.81 -14.24
CA ALA A 245 -28.69 -4.26 -14.13
C ALA A 245 -29.92 -4.93 -14.67
N ASP A 246 -29.77 -6.18 -15.12
CA ASP A 246 -30.86 -7.00 -15.63
C ASP A 246 -30.92 -8.30 -14.87
N ALA A 247 -32.07 -8.98 -14.95
CA ALA A 247 -32.27 -10.28 -14.36
C ALA A 247 -33.22 -11.09 -15.23
N LEU A 248 -33.11 -12.42 -15.19
CA LEU A 248 -33.94 -13.32 -15.99
C LEU A 248 -34.19 -14.58 -15.18
N GLY A 249 -35.47 -14.93 -15.01
CA GLY A 249 -35.92 -16.10 -14.25
C GLY A 249 -36.57 -17.16 -15.12
N PRO A 250 -37.14 -18.22 -14.49
CA PRO A 250 -37.77 -19.31 -15.27
C PRO A 250 -38.92 -18.91 -16.20
N ASP A 251 -39.64 -17.79 -15.89
CA ASP A 251 -40.74 -17.31 -16.75
C ASP A 251 -40.27 -16.72 -18.10
N GLY A 252 -38.96 -16.49 -18.25
CA GLY A 252 -38.39 -15.99 -19.50
C GLY A 252 -38.53 -14.50 -19.71
N LYS A 253 -39.03 -13.76 -18.70
CA LYS A 253 -39.24 -12.32 -18.81
C LYS A 253 -37.98 -11.60 -18.35
N LEU A 254 -37.37 -10.82 -19.27
CA LEU A 254 -36.17 -10.05 -18.96
C LEU A 254 -36.58 -8.89 -18.08
N LEU A 255 -35.98 -8.78 -16.89
CA LEU A 255 -36.23 -7.69 -15.96
C LEU A 255 -35.06 -6.74 -16.04
N HIS A 256 -35.30 -5.43 -15.85
CA HIS A 256 -34.25 -4.43 -15.91
C HIS A 256 -34.45 -3.32 -14.92
N SER A 257 -33.33 -2.75 -14.47
CA SER A 257 -33.30 -1.59 -13.60
C SER A 257 -32.28 -0.60 -14.11
N ASP A 258 -32.66 0.68 -14.21
CA ASP A 258 -31.73 1.73 -14.58
C ASP A 258 -30.80 1.91 -13.40
N ALA A 259 -29.64 2.49 -13.65
CA ALA A 259 -28.68 2.77 -12.60
C ALA A 259 -29.18 4.00 -11.82
N PHE A 260 -28.64 4.19 -10.61
CA PHE A 260 -28.91 5.36 -9.77
C PHE A 260 -27.57 6.11 -9.67
N PRO A 261 -27.05 6.70 -10.77
CA PRO A 261 -25.73 7.33 -10.68
C PRO A 261 -25.72 8.58 -9.78
N PRO A 262 -24.69 8.80 -8.95
CA PRO A 262 -24.59 10.06 -8.20
C PRO A 262 -24.13 11.19 -9.14
N PRO A 263 -24.40 12.50 -8.91
CA PRO A 263 -23.86 13.52 -9.84
C PRO A 263 -22.35 13.39 -10.05
N ARG A 264 -21.59 13.08 -8.99
CA ARG A 264 -20.14 12.84 -9.08
C ARG A 264 -19.85 11.40 -8.65
N VAL A 265 -19.31 10.58 -9.57
CA VAL A 265 -18.89 9.20 -9.28
C VAL A 265 -17.44 9.34 -8.83
N VAL A 266 -17.13 9.01 -7.56
CA VAL A 266 -15.79 9.19 -6.95
C VAL A 266 -15.11 7.88 -6.50
N ASP A 267 -15.85 6.77 -6.32
CA ASP A 267 -15.23 5.50 -5.95
C ASP A 267 -16.15 4.34 -6.29
N THR A 268 -15.80 3.55 -7.32
CA THR A 268 -16.56 2.38 -7.73
C THR A 268 -15.99 1.06 -7.15
N LEU A 269 -14.97 1.12 -6.24
CA LEU A 269 -14.36 -0.06 -5.61
C LEU A 269 -15.36 -0.73 -4.70
N GLY A 270 -15.78 -1.93 -5.09
CA GLY A 270 -16.75 -2.69 -4.32
C GLY A 270 -18.18 -2.37 -4.68
N ALA A 271 -18.43 -1.72 -5.85
CA ALA A 271 -19.78 -1.38 -6.32
C ALA A 271 -20.57 -2.66 -6.66
N GLY A 272 -19.93 -3.58 -7.36
CA GLY A 272 -20.54 -4.88 -7.70
C GLY A 272 -20.87 -5.68 -6.45
N ASP A 273 -19.97 -5.63 -5.44
CA ASP A 273 -20.19 -6.32 -4.16
C ASP A 273 -21.34 -5.67 -3.40
N THR A 274 -21.50 -4.34 -3.50
CA THR A 274 -22.60 -3.61 -2.89
C THR A 274 -23.91 -4.01 -3.57
N PHE A 275 -23.89 -4.10 -4.92
CA PHE A 275 -25.05 -4.55 -5.70
C PHE A 275 -25.42 -6.00 -5.32
N ASN A 276 -24.44 -6.92 -5.23
CA ASN A 276 -24.72 -8.33 -4.89
C ASN A 276 -25.37 -8.46 -3.51
N ALA A 277 -24.77 -7.83 -2.49
CA ALA A 277 -25.28 -7.82 -1.10
C ALA A 277 -26.70 -7.26 -1.03
N SER A 278 -26.95 -6.17 -1.77
CA SER A 278 -28.25 -5.48 -1.78
C SER A 278 -29.32 -6.32 -2.48
N VAL A 279 -28.98 -7.03 -3.58
CA VAL A 279 -29.92 -7.92 -4.25
C VAL A 279 -30.22 -9.11 -3.30
N ILE A 280 -29.17 -9.73 -2.71
CA ILE A 280 -29.32 -10.83 -1.75
C ILE A 280 -30.22 -10.41 -0.60
N PHE A 281 -29.94 -9.23 -0.02
CA PHE A 281 -30.69 -8.69 1.12
C PHE A 281 -32.16 -8.51 0.78
N SER A 282 -32.45 -7.84 -0.34
CA SER A 282 -33.82 -7.59 -0.79
C SER A 282 -34.60 -8.89 -1.01
N LEU A 283 -33.97 -9.88 -1.67
CA LEU A 283 -34.61 -11.18 -1.90
C LEU A 283 -34.81 -11.95 -0.59
N SER A 284 -33.83 -11.90 0.34
CA SER A 284 -33.97 -12.57 1.64
C SER A 284 -35.13 -11.98 2.47
N GLN A 285 -35.48 -10.68 2.23
CA GLN A 285 -36.60 -10.00 2.90
C GLN A 285 -37.96 -10.26 2.20
N GLY A 286 -38.00 -11.17 1.22
CA GLY A 286 -39.22 -11.55 0.51
C GLY A 286 -39.61 -10.65 -0.65
N ARG A 287 -38.77 -9.67 -1.02
CA ARG A 287 -39.10 -8.74 -2.11
C ARG A 287 -38.96 -9.46 -3.44
N SER A 288 -39.55 -8.88 -4.50
CA SER A 288 -39.50 -9.47 -5.83
C SER A 288 -38.14 -9.24 -6.48
N VAL A 289 -37.87 -9.96 -7.58
CA VAL A 289 -36.63 -9.83 -8.34
C VAL A 289 -36.54 -8.40 -8.89
N GLN A 290 -37.66 -7.88 -9.44
CA GLN A 290 -37.69 -6.51 -9.96
C GLN A 290 -37.33 -5.48 -8.89
N GLU A 291 -37.93 -5.62 -7.69
CA GLU A 291 -37.66 -4.73 -6.55
C GLU A 291 -36.21 -4.88 -6.07
N ALA A 292 -35.67 -6.13 -6.07
CA ALA A 292 -34.29 -6.41 -5.66
C ALA A 292 -33.26 -5.82 -6.63
N LEU A 293 -33.53 -5.83 -7.96
CA LEU A 293 -32.64 -5.22 -8.96
C LEU A 293 -32.53 -3.71 -8.72
N ARG A 294 -33.68 -3.07 -8.51
CA ARG A 294 -33.73 -1.62 -8.29
C ARG A 294 -33.01 -1.23 -7.01
N PHE A 295 -33.28 -1.97 -5.92
CA PHE A 295 -32.61 -1.71 -4.65
C PHE A 295 -31.10 -1.92 -4.82
N GLY A 296 -30.73 -2.98 -5.54
CA GLY A 296 -29.33 -3.28 -5.86
C GLY A 296 -28.62 -2.10 -6.50
N CYS A 297 -29.25 -1.50 -7.50
CA CYS A 297 -28.70 -0.32 -8.19
C CYS A 297 -28.77 0.92 -7.31
N GLN A 298 -29.82 1.07 -6.51
CA GLN A 298 -29.99 2.21 -5.61
C GLN A 298 -28.82 2.32 -4.63
N VAL A 299 -28.52 1.20 -3.96
CA VAL A 299 -27.45 1.17 -2.95
C VAL A 299 -26.07 1.26 -3.61
N ALA A 300 -25.84 0.47 -4.69
CA ALA A 300 -24.56 0.49 -5.42
C ALA A 300 -24.30 1.88 -6.03
N GLY A 301 -25.34 2.52 -6.52
CA GLY A 301 -25.25 3.87 -7.06
C GLY A 301 -24.87 4.87 -5.99
N LYS A 302 -25.53 4.82 -4.83
CA LYS A 302 -25.21 5.72 -3.72
C LYS A 302 -23.74 5.51 -3.30
N LYS A 303 -23.29 4.24 -3.22
CA LYS A 303 -21.91 3.91 -2.87
C LYS A 303 -20.90 4.54 -3.82
N CYS A 304 -21.21 4.61 -5.13
CA CYS A 304 -20.30 5.14 -6.13
C CYS A 304 -19.96 6.63 -5.93
N GLY A 305 -20.81 7.37 -5.23
CA GLY A 305 -20.58 8.78 -4.90
C GLY A 305 -19.95 9.01 -3.55
N LEU A 306 -19.53 7.94 -2.86
CA LEU A 306 -18.90 8.02 -1.54
C LEU A 306 -17.58 7.23 -1.54
N GLN A 307 -16.60 7.66 -0.73
CA GLN A 307 -15.35 6.90 -0.55
C GLN A 307 -15.68 5.83 0.50
N GLY A 308 -15.43 4.56 0.18
CA GLY A 308 -15.72 3.46 1.08
C GLY A 308 -17.19 3.11 1.20
N PHE A 309 -17.58 2.52 2.34
CA PHE A 309 -18.95 2.07 2.58
C PHE A 309 -19.72 2.89 3.64
N ASP A 310 -19.10 3.90 4.30
CA ASP A 310 -19.83 4.75 5.25
C ASP A 310 -20.80 5.66 4.47
N GLY A 311 -22.03 5.77 4.98
CA GLY A 311 -23.06 6.62 4.40
C GLY A 311 -23.94 5.99 3.34
N ILE A 312 -23.86 4.68 3.19
CA ILE A 312 -24.74 3.92 2.27
C ILE A 312 -26.17 3.88 2.86
N VAL A 313 -26.31 3.95 4.22
CA VAL A 313 -27.59 3.94 4.94
C VAL A 313 -27.72 5.16 5.88
N SER B 12 12.40 2.49 26.14
CA SER B 12 13.68 3.18 25.94
C SER B 12 14.54 3.10 27.22
N GLY B 13 15.86 3.02 27.05
CA GLY B 13 16.82 2.93 28.14
C GLY B 13 17.91 3.98 28.05
N LEU B 14 18.95 3.80 28.88
CA LEU B 14 20.09 4.70 28.99
C LEU B 14 20.92 4.69 27.73
N VAL B 15 21.10 5.86 27.11
CA VAL B 15 21.91 6.03 25.91
C VAL B 15 23.16 6.80 26.39
N PRO B 16 24.38 6.22 26.30
CA PRO B 16 25.56 6.99 26.71
C PRO B 16 25.71 8.31 25.93
N ARG B 17 26.21 9.35 26.61
CA ARG B 17 26.42 10.71 26.05
C ARG B 17 27.35 10.66 24.81
N GLY B 18 27.04 11.45 23.77
CA GLY B 18 27.84 11.54 22.54
C GLY B 18 28.15 10.24 21.84
N SER B 19 27.19 9.31 21.86
CA SER B 19 27.34 7.96 21.28
C SER B 19 26.56 7.75 19.99
N GLN B 20 25.41 8.43 19.81
CA GLN B 20 24.56 8.21 18.64
C GLN B 20 24.75 9.18 17.48
N ILE B 21 24.34 8.70 16.29
CA ILE B 21 24.27 9.44 15.04
C ILE B 21 22.76 9.58 14.77
N LEU B 22 22.23 10.81 14.72
CA LEU B 22 20.81 11.08 14.50
C LEU B 22 20.60 11.44 13.05
N CYS B 23 19.56 10.88 12.40
CA CYS B 23 19.21 11.24 11.03
C CYS B 23 17.80 11.79 11.08
N VAL B 24 17.63 13.07 10.72
CA VAL B 24 16.32 13.74 10.71
C VAL B 24 15.83 13.73 9.26
N GLY B 25 14.62 13.22 9.05
CA GLY B 25 14.04 13.20 7.71
C GLY B 25 12.79 12.35 7.57
N LEU B 26 12.58 11.84 6.36
CA LEU B 26 11.41 11.07 5.97
C LEU B 26 11.55 9.55 6.19
N VAL B 27 10.43 8.93 6.59
CA VAL B 27 10.19 7.50 6.63
C VAL B 27 8.88 7.30 5.86
N VAL B 28 8.85 6.34 4.94
CA VAL B 28 7.68 6.07 4.11
C VAL B 28 7.51 4.55 3.92
N LEU B 29 6.26 4.11 3.76
CA LEU B 29 5.93 2.71 3.47
C LEU B 29 5.81 2.58 1.94
N ASP B 30 6.79 1.94 1.32
CA ASP B 30 6.76 1.73 -0.12
C ASP B 30 6.18 0.36 -0.41
N VAL B 31 5.00 0.33 -1.04
CA VAL B 31 4.39 -0.92 -1.46
C VAL B 31 4.82 -1.08 -2.91
N ILE B 32 5.71 -2.06 -3.20
CA ILE B 32 6.27 -2.31 -4.55
C ILE B 32 5.67 -3.60 -5.13
N SER B 33 5.01 -3.52 -6.30
CA SER B 33 4.33 -4.62 -6.98
C SER B 33 5.02 -4.84 -8.31
N LEU B 34 5.38 -6.07 -8.65
CA LEU B 34 6.03 -6.39 -9.92
C LEU B 34 4.95 -6.99 -10.80
N VAL B 35 4.70 -6.41 -12.00
CA VAL B 35 3.62 -6.89 -12.89
C VAL B 35 4.20 -7.31 -14.25
N ASP B 36 3.52 -8.23 -14.98
CA ASP B 36 3.99 -8.63 -16.31
C ASP B 36 3.64 -7.55 -17.35
N LYS B 37 2.62 -6.71 -17.07
CA LYS B 37 2.21 -5.62 -17.94
C LYS B 37 1.53 -4.53 -17.10
N TYR B 38 1.73 -3.25 -17.48
CA TYR B 38 1.15 -2.12 -16.74
C TYR B 38 -0.39 -2.17 -16.84
N PRO B 39 -1.13 -2.03 -15.72
CA PRO B 39 -2.60 -2.15 -15.80
C PRO B 39 -3.31 -1.04 -16.53
N LYS B 40 -4.37 -1.42 -17.26
CA LYS B 40 -5.22 -0.48 -17.97
C LYS B 40 -6.14 0.12 -16.92
N GLU B 41 -6.48 1.42 -17.05
CA GLU B 41 -7.33 2.06 -16.03
C GLU B 41 -8.63 1.28 -15.85
N ASP B 42 -9.05 1.13 -14.58
CA ASP B 42 -10.26 0.40 -14.18
C ASP B 42 -10.14 -1.13 -14.33
N SER B 43 -8.92 -1.68 -14.49
CA SER B 43 -8.72 -3.12 -14.62
C SER B 43 -8.22 -3.74 -13.31
N GLU B 44 -8.27 -5.07 -13.24
CA GLU B 44 -7.85 -5.85 -12.09
C GLU B 44 -6.82 -6.89 -12.56
N ILE B 45 -5.55 -6.71 -12.17
CA ILE B 45 -4.45 -7.61 -12.54
C ILE B 45 -3.81 -8.23 -11.29
N ARG B 46 -3.16 -9.37 -11.47
CA ARG B 46 -2.47 -10.08 -10.41
C ARG B 46 -0.99 -9.78 -10.58
N CYS B 47 -0.32 -9.25 -9.54
CA CYS B 47 1.11 -8.98 -9.62
C CYS B 47 1.86 -10.30 -9.50
N LEU B 48 3.09 -10.30 -9.99
CA LEU B 48 3.97 -11.47 -9.95
C LEU B 48 4.50 -11.64 -8.53
N SER B 49 4.95 -10.53 -7.94
CA SER B 49 5.49 -10.48 -6.59
C SER B 49 5.22 -9.10 -5.97
N GLN B 50 4.97 -9.02 -4.65
CA GLN B 50 4.66 -7.73 -3.98
C GLN B 50 5.42 -7.61 -2.67
N ARG B 51 6.06 -6.45 -2.45
CA ARG B 51 6.86 -6.17 -1.26
C ARG B 51 6.42 -4.89 -0.55
N TRP B 52 6.54 -4.86 0.79
CA TRP B 52 6.28 -3.71 1.64
C TRP B 52 7.64 -3.36 2.19
N GLN B 53 8.12 -2.13 1.90
CA GLN B 53 9.45 -1.71 2.33
C GLN B 53 9.41 -0.38 3.06
N ARG B 54 10.35 -0.18 3.97
CA ARG B 54 10.52 1.08 4.67
C ARG B 54 11.51 1.86 3.81
N GLY B 55 11.06 2.97 3.23
CA GLY B 55 11.89 3.85 2.41
C GLY B 55 12.10 5.17 3.09
N GLY B 56 12.67 6.12 2.35
CA GLY B 56 12.97 7.47 2.84
C GLY B 56 14.46 7.62 3.03
N ASN B 57 15.02 8.80 2.68
CA ASN B 57 16.48 9.00 2.75
C ASN B 57 17.08 8.86 4.14
N ALA B 58 16.56 9.61 5.14
CA ALA B 58 17.06 9.54 6.52
C ALA B 58 16.86 8.13 7.08
N SER B 59 15.72 7.51 6.75
CA SER B 59 15.36 6.15 7.13
C SER B 59 16.37 5.12 6.55
N ASN B 60 16.70 5.24 5.27
CA ASN B 60 17.66 4.36 4.59
C ASN B 60 19.06 4.51 5.20
N SER B 61 19.48 5.75 5.48
CA SER B 61 20.79 6.00 6.11
C SER B 61 20.89 5.38 7.51
N CYS B 62 19.77 5.31 8.28
CA CYS B 62 19.76 4.68 9.60
C CYS B 62 20.03 3.21 9.49
N THR B 63 19.39 2.53 8.54
CA THR B 63 19.61 1.11 8.32
C THR B 63 21.08 0.84 8.06
N VAL B 64 21.70 1.63 7.18
CA VAL B 64 23.11 1.47 6.82
C VAL B 64 24.03 1.75 8.02
N LEU B 65 23.77 2.82 8.79
CA LEU B 65 24.53 3.15 10.00
C LEU B 65 24.51 2.00 11.03
N SER B 66 23.36 1.32 11.18
CA SER B 66 23.25 0.18 12.10
C SER B 66 24.09 -0.99 11.63
N LEU B 67 24.01 -1.32 10.33
CA LEU B 67 24.80 -2.39 9.71
C LEU B 67 26.31 -2.11 9.81
N LEU B 68 26.71 -0.83 9.82
CA LEU B 68 28.11 -0.43 9.98
C LEU B 68 28.60 -0.51 11.45
N GLY B 69 27.69 -0.76 12.39
CA GLY B 69 28.00 -0.88 13.80
C GLY B 69 27.90 0.41 14.58
N ALA B 70 27.19 1.42 14.03
CA ALA B 70 27.03 2.71 14.70
C ALA B 70 25.71 2.74 15.47
N PRO B 71 25.70 3.18 16.75
CA PRO B 71 24.40 3.34 17.43
C PRO B 71 23.73 4.54 16.74
N CYS B 72 22.51 4.37 16.24
CA CYS B 72 21.87 5.47 15.53
C CYS B 72 20.42 5.60 15.90
N ALA B 73 19.89 6.81 15.69
CA ALA B 73 18.53 7.17 16.00
C ALA B 73 17.88 7.85 14.79
N PHE B 74 16.56 7.68 14.65
CA PHE B 74 15.80 8.29 13.57
C PHE B 74 14.84 9.31 14.15
N MET B 75 14.67 10.43 13.44
CA MET B 75 13.68 11.44 13.79
C MET B 75 12.92 11.80 12.53
N GLY B 76 11.62 11.62 12.58
CA GLY B 76 10.74 11.93 11.47
C GLY B 76 9.31 11.88 11.97
N SER B 77 8.38 12.34 11.15
CA SER B 77 6.97 12.33 11.53
C SER B 77 6.30 11.01 11.21
N MET B 78 5.43 10.57 12.12
CA MET B 78 4.61 9.37 11.98
C MET B 78 3.26 9.63 12.65
N ALA B 79 2.20 8.98 12.15
CA ALA B 79 0.84 9.04 12.73
C ALA B 79 0.54 7.66 13.29
N PRO B 80 -0.06 7.52 14.48
CA PRO B 80 -0.37 6.17 14.99
C PRO B 80 -1.25 5.36 14.01
N GLY B 81 -0.92 4.08 13.86
CA GLY B 81 -1.65 3.19 12.96
C GLY B 81 -0.84 2.00 12.50
N HIS B 82 -1.46 1.15 11.69
CA HIS B 82 -0.83 -0.08 11.19
C HIS B 82 0.34 0.16 10.25
N VAL B 83 0.33 1.28 9.49
CA VAL B 83 1.44 1.63 8.60
C VAL B 83 2.65 1.97 9.47
N ALA B 84 2.47 2.85 10.46
CA ALA B 84 3.53 3.23 11.41
C ALA B 84 4.07 2.03 12.17
N ASP B 85 3.16 1.11 12.61
CA ASP B 85 3.57 -0.11 13.32
C ASP B 85 4.52 -0.94 12.47
N PHE B 86 4.23 -1.09 11.16
CA PHE B 86 5.10 -1.85 10.25
C PHE B 86 6.48 -1.19 10.13
N LEU B 87 6.50 0.15 9.98
CA LEU B 87 7.74 0.93 9.85
C LEU B 87 8.56 0.91 11.14
N VAL B 88 7.89 1.02 12.32
CA VAL B 88 8.54 0.95 13.64
C VAL B 88 9.18 -0.43 13.81
N ALA B 89 8.45 -1.50 13.48
CA ALA B 89 8.98 -2.86 13.57
C ALA B 89 10.17 -3.06 12.60
N ASP B 90 10.10 -2.46 11.40
CA ASP B 90 11.20 -2.58 10.43
C ASP B 90 12.45 -1.79 10.90
N PHE B 91 12.24 -0.61 11.52
CA PHE B 91 13.33 0.18 12.12
C PHE B 91 14.01 -0.68 13.19
N ARG B 92 13.19 -1.20 14.11
CA ARG B 92 13.65 -2.04 15.20
C ARG B 92 14.39 -3.29 14.68
N ARG B 93 13.89 -3.91 13.61
CA ARG B 93 14.55 -5.07 13.01
C ARG B 93 15.98 -4.69 12.57
N ARG B 94 16.21 -3.41 12.22
CA ARG B 94 17.54 -2.89 11.86
C ARG B 94 18.22 -2.17 13.03
N GLY B 95 17.81 -2.44 14.26
CA GLY B 95 18.41 -1.85 15.45
C GLY B 95 18.43 -0.33 15.55
N VAL B 96 17.52 0.35 14.82
CA VAL B 96 17.42 1.81 14.83
C VAL B 96 16.58 2.23 16.06
N ASP B 97 17.04 3.28 16.79
CA ASP B 97 16.35 3.86 17.95
C ASP B 97 15.26 4.79 17.39
N VAL B 98 13.99 4.58 17.80
CA VAL B 98 12.83 5.38 17.34
C VAL B 98 12.21 6.26 18.45
N SER B 99 12.92 6.44 19.58
CA SER B 99 12.40 7.25 20.70
C SER B 99 12.19 8.73 20.36
N GLN B 100 12.88 9.25 19.31
CA GLN B 100 12.75 10.65 18.88
C GLN B 100 11.71 10.86 17.78
N VAL B 101 10.92 9.83 17.40
CA VAL B 101 9.86 10.00 16.38
C VAL B 101 8.86 11.09 16.82
N ALA B 102 8.42 11.94 15.88
CA ALA B 102 7.45 12.99 16.15
C ALA B 102 6.07 12.45 15.83
N TRP B 103 5.38 11.91 16.85
CA TRP B 103 4.05 11.33 16.68
C TRP B 103 3.02 12.43 16.46
N GLN B 104 2.30 12.38 15.33
CA GLN B 104 1.35 13.40 14.89
C GLN B 104 -0.09 12.97 15.11
N SER B 105 -0.94 13.91 15.57
CA SER B 105 -2.37 13.66 15.81
C SER B 105 -3.17 13.78 14.50
N LYS B 106 -2.71 14.63 13.55
CA LYS B 106 -3.34 14.86 12.25
C LYS B 106 -2.42 14.39 11.13
N GLY B 107 -3.01 13.79 10.09
CA GLY B 107 -2.29 13.32 8.91
C GLY B 107 -2.08 11.82 8.86
N ASP B 108 -1.62 11.34 7.69
CA ASP B 108 -1.35 9.93 7.40
C ASP B 108 0.15 9.66 7.44
N THR B 109 0.57 8.47 7.93
CA THR B 109 1.98 8.09 7.87
C THR B 109 2.26 7.91 6.36
N PRO B 110 3.36 8.44 5.79
CA PRO B 110 3.54 8.35 4.33
C PRO B 110 3.58 6.94 3.79
N SER B 111 2.88 6.72 2.66
CA SER B 111 2.85 5.42 1.99
C SER B 111 2.83 5.63 0.48
N SER B 112 3.68 4.91 -0.29
CA SER B 112 3.72 5.03 -1.75
C SER B 112 3.47 3.69 -2.43
N CYS B 113 2.86 3.72 -3.61
CA CYS B 113 2.57 2.55 -4.42
C CYS B 113 3.47 2.62 -5.65
N CYS B 114 4.35 1.63 -5.85
CA CYS B 114 5.26 1.57 -6.99
C CYS B 114 4.92 0.33 -7.81
N ILE B 115 4.58 0.52 -9.09
CA ILE B 115 4.21 -0.57 -10.00
C ILE B 115 5.38 -0.72 -10.97
N ILE B 116 6.12 -1.85 -10.86
CA ILE B 116 7.27 -2.13 -11.71
C ILE B 116 6.82 -3.08 -12.82
N ASN B 117 7.05 -2.72 -14.07
CA ASN B 117 6.67 -3.57 -15.20
C ASN B 117 7.87 -4.46 -15.51
N ASN B 118 7.70 -5.78 -15.32
CA ASN B 118 8.78 -6.76 -15.54
C ASN B 118 9.17 -6.88 -17.01
N SER B 119 8.24 -6.59 -17.95
CA SER B 119 8.55 -6.68 -19.38
C SER B 119 9.51 -5.59 -19.89
N ASN B 120 9.54 -4.37 -19.27
CA ASN B 120 10.46 -3.30 -19.71
C ASN B 120 11.15 -2.50 -18.57
N GLY B 121 11.06 -2.97 -17.32
CA GLY B 121 11.67 -2.31 -16.16
C GLY B 121 11.16 -0.93 -15.77
N ASN B 122 10.07 -0.42 -16.42
CA ASN B 122 9.53 0.91 -16.11
C ASN B 122 8.85 0.92 -14.74
N ARG B 123 9.04 2.03 -14.00
CA ARG B 123 8.48 2.21 -12.66
C ARG B 123 7.45 3.33 -12.66
N THR B 124 6.17 3.04 -12.30
CA THR B 124 5.12 4.07 -12.16
C THR B 124 4.91 4.22 -10.66
N ILE B 125 5.14 5.43 -10.12
CA ILE B 125 5.04 5.70 -8.69
C ILE B 125 3.88 6.62 -8.38
N VAL B 126 3.08 6.24 -7.37
CA VAL B 126 2.00 7.07 -6.85
C VAL B 126 2.53 7.47 -5.47
N LEU B 127 3.15 8.67 -5.38
CA LEU B 127 3.77 9.17 -4.14
C LEU B 127 2.76 9.41 -3.04
N HIS B 128 3.27 9.41 -1.78
CA HIS B 128 2.51 9.66 -0.57
C HIS B 128 1.86 11.04 -0.58
N ASP B 129 0.77 11.18 0.15
CA ASP B 129 0.06 12.46 0.26
C ASP B 129 0.88 13.41 1.18
N THR B 130 0.51 14.69 1.20
CA THR B 130 1.20 15.71 2.01
C THR B 130 0.47 16.04 3.33
N SER B 131 -0.42 15.15 3.80
CA SER B 131 -1.23 15.38 5.01
C SER B 131 -0.44 15.45 6.32
N LEU B 132 0.67 14.73 6.43
CA LEU B 132 1.43 14.68 7.67
C LEU B 132 2.35 15.88 7.85
N PRO B 133 2.32 16.57 9.01
CA PRO B 133 3.25 17.69 9.20
C PRO B 133 4.70 17.21 9.33
N ASP B 134 5.65 17.95 8.78
CA ASP B 134 7.07 17.65 8.92
C ASP B 134 7.51 17.97 10.36
N VAL B 135 8.71 17.51 10.72
CA VAL B 135 9.27 17.77 12.05
C VAL B 135 9.52 19.28 12.14
N SER B 136 9.00 19.94 13.19
CA SER B 136 9.14 21.39 13.35
C SER B 136 10.31 21.74 14.28
N ALA B 137 10.70 23.01 14.27
CA ALA B 137 11.75 23.53 15.14
C ALA B 137 11.34 23.33 16.60
N THR B 138 10.03 23.47 16.92
CA THR B 138 9.53 23.26 18.28
C THR B 138 9.60 21.78 18.66
N ASP B 139 9.34 20.84 17.72
CA ASP B 139 9.50 19.41 17.99
C ASP B 139 11.00 19.10 18.29
N PHE B 140 11.90 19.70 17.50
CA PHE B 140 13.35 19.51 17.66
C PHE B 140 13.88 20.15 18.96
N GLU B 141 13.27 21.28 19.36
CA GLU B 141 13.66 22.03 20.57
C GLU B 141 13.47 21.21 21.87
N LYS B 142 12.55 20.22 21.86
CA LYS B 142 12.28 19.35 23.00
C LYS B 142 13.27 18.18 23.12
N VAL B 143 14.27 18.06 22.22
CA VAL B 143 15.22 16.94 22.22
C VAL B 143 16.51 17.26 22.95
N ASP B 144 16.89 16.39 23.90
CA ASP B 144 18.15 16.52 24.61
C ASP B 144 19.19 16.02 23.59
N LEU B 145 20.06 16.92 23.16
CA LEU B 145 21.06 16.67 22.14
C LEU B 145 22.33 15.98 22.65
N THR B 146 22.51 15.83 23.98
CA THR B 146 23.74 15.26 24.56
C THR B 146 24.02 13.81 24.15
N GLN B 147 22.99 13.04 23.74
CA GLN B 147 23.19 11.63 23.33
C GLN B 147 23.94 11.51 21.99
N PHE B 148 23.84 12.55 21.14
CA PHE B 148 24.35 12.50 19.77
C PHE B 148 25.72 13.10 19.58
N LYS B 149 26.55 12.42 18.78
CA LYS B 149 27.89 12.88 18.36
C LYS B 149 27.80 13.52 16.96
N TRP B 150 26.77 13.14 16.17
CA TRP B 150 26.58 13.61 14.81
C TRP B 150 25.08 13.74 14.54
N ILE B 151 24.63 14.82 13.87
CA ILE B 151 23.23 15.00 13.51
C ILE B 151 23.16 15.26 12.00
N HIS B 152 22.53 14.34 11.26
CA HIS B 152 22.36 14.47 9.81
C HIS B 152 20.93 14.91 9.52
N ILE B 153 20.74 15.99 8.75
CA ILE B 153 19.40 16.48 8.42
C ILE B 153 19.13 16.36 6.92
N GLU B 154 18.13 15.57 6.55
CA GLU B 154 17.69 15.45 5.16
C GLU B 154 16.88 16.72 4.86
N GLY B 155 17.30 17.50 3.88
CA GLY B 155 16.62 18.73 3.49
C GLY B 155 15.17 18.50 3.09
N ARG B 156 14.23 19.17 3.75
CA ARG B 156 12.78 19.01 3.51
C ARG B 156 12.07 20.35 3.71
N ASN B 157 11.72 20.70 4.96
CA ASN B 157 11.06 21.96 5.34
C ASN B 157 12.16 22.90 5.84
N ALA B 158 12.88 23.50 4.88
CA ALA B 158 14.08 24.31 5.11
C ALA B 158 13.98 25.39 6.18
N SER B 159 12.90 26.23 6.18
CA SER B 159 12.76 27.30 7.18
C SER B 159 12.83 26.74 8.60
N GLU B 160 12.11 25.64 8.85
CA GLU B 160 12.08 24.99 10.15
C GLU B 160 13.39 24.31 10.49
N GLN B 161 14.04 23.65 9.49
CA GLN B 161 15.33 22.97 9.69
C GLN B 161 16.46 23.94 9.98
N VAL B 162 16.41 25.16 9.40
CA VAL B 162 17.42 26.20 9.66
C VAL B 162 17.43 26.53 11.17
N LYS B 163 16.25 26.59 11.81
CA LYS B 163 16.13 26.84 13.25
C LYS B 163 16.72 25.66 14.05
N MET B 164 16.51 24.41 13.57
CA MET B 164 17.08 23.21 14.22
C MET B 164 18.61 23.30 14.15
N LEU B 165 19.13 23.65 12.96
CA LEU B 165 20.57 23.82 12.72
C LEU B 165 21.14 24.97 13.57
N GLN B 166 20.39 26.09 13.70
CA GLN B 166 20.79 27.21 14.56
C GLN B 166 20.84 26.78 16.05
N ARG B 167 19.94 25.88 16.48
CA ARG B 167 19.93 25.35 17.85
C ARG B 167 21.19 24.49 18.12
N ILE B 168 21.61 23.67 17.13
CA ILE B 168 22.81 22.83 17.29
C ILE B 168 24.06 23.73 17.36
N ASP B 169 24.07 24.87 16.64
CA ASP B 169 25.20 25.81 16.70
C ASP B 169 25.27 26.43 18.08
N ALA B 170 24.12 26.87 18.61
CA ALA B 170 24.04 27.46 19.96
C ALA B 170 24.55 26.49 21.02
N HIS B 171 24.15 25.20 20.90
CA HIS B 171 24.60 24.12 21.79
C HIS B 171 26.12 23.94 21.67
N ASN B 172 26.66 23.87 20.45
CA ASN B 172 28.09 23.68 20.21
C ASN B 172 28.96 24.80 20.74
N THR B 173 28.48 26.06 20.71
CA THR B 173 29.24 27.21 21.22
C THR B 173 29.59 27.03 22.72
N ARG B 174 28.76 26.33 23.48
CA ARG B 174 29.00 26.07 24.91
C ARG B 174 29.85 24.82 25.20
N GLN B 175 30.14 23.97 24.19
CA GLN B 175 30.87 22.71 24.41
C GLN B 175 32.35 22.81 24.08
N PRO B 176 33.24 22.07 24.78
CA PRO B 176 34.65 22.02 24.33
C PRO B 176 34.75 21.21 23.04
N PRO B 177 35.80 21.38 22.21
CA PRO B 177 35.88 20.63 20.94
C PRO B 177 35.53 19.13 20.98
N GLU B 178 35.91 18.43 22.06
CA GLU B 178 35.63 16.99 22.22
C GLU B 178 34.14 16.62 22.42
N GLN B 179 33.29 17.58 22.84
CA GLN B 179 31.87 17.32 23.05
C GLN B 179 31.00 18.11 22.05
N LYS B 180 31.60 18.61 20.95
CA LYS B 180 30.84 19.33 19.93
C LYS B 180 30.18 18.31 19.01
N ILE B 181 28.91 18.55 18.64
CA ILE B 181 28.13 17.67 17.78
C ILE B 181 28.41 18.03 16.31
N ARG B 182 28.98 17.10 15.51
CA ARG B 182 29.24 17.35 14.08
C ARG B 182 27.90 17.30 13.34
N VAL B 183 27.77 18.10 12.28
CA VAL B 183 26.50 18.23 11.56
C VAL B 183 26.65 18.01 10.06
N SER B 184 25.66 17.32 9.44
CA SER B 184 25.61 17.15 8.00
C SER B 184 24.21 17.44 7.47
N VAL B 185 24.13 17.85 6.20
CA VAL B 185 22.86 18.17 5.57
C VAL B 185 22.84 17.61 4.15
N GLU B 186 21.66 17.19 3.68
CA GLU B 186 21.48 16.69 2.32
C GLU B 186 20.50 17.59 1.57
N VAL B 187 20.90 18.02 0.36
CA VAL B 187 20.07 18.78 -0.56
C VAL B 187 19.89 17.80 -1.73
N GLU B 188 18.78 17.03 -1.73
CA GLU B 188 18.52 15.99 -2.72
C GLU B 188 17.59 16.38 -3.84
N LYS B 189 16.62 17.27 -3.58
CA LYS B 189 15.61 17.67 -4.56
C LYS B 189 15.89 19.07 -5.09
N PRO B 190 15.74 19.33 -6.40
CA PRO B 190 16.02 20.67 -6.94
C PRO B 190 14.92 21.70 -6.62
N ARG B 191 14.78 22.08 -5.34
CA ARG B 191 13.79 23.05 -4.87
C ARG B 191 14.53 24.26 -4.30
N GLU B 192 14.09 25.49 -4.66
CA GLU B 192 14.71 26.74 -4.19
C GLU B 192 14.74 26.88 -2.65
N GLU B 193 13.67 26.45 -1.95
CA GLU B 193 13.59 26.53 -0.49
C GLU B 193 14.78 25.83 0.17
N LEU B 194 15.21 24.69 -0.39
CA LEU B 194 16.30 23.88 0.17
C LEU B 194 17.69 24.45 0.02
N PHE B 195 17.93 25.38 -0.91
CA PHE B 195 19.26 25.90 -1.14
C PHE B 195 19.79 26.81 -0.01
N GLN B 196 18.93 27.28 0.91
CA GLN B 196 19.39 28.03 2.09
C GLN B 196 20.14 27.10 3.07
N LEU B 197 19.92 25.77 2.99
CA LEU B 197 20.57 24.78 3.85
C LEU B 197 22.04 24.55 3.50
N PHE B 198 22.53 25.02 2.31
CA PHE B 198 23.95 24.90 1.94
C PHE B 198 24.85 25.59 2.97
N GLY B 199 24.39 26.72 3.51
CA GLY B 199 25.12 27.50 4.51
C GLY B 199 25.13 26.95 5.93
N TYR B 200 24.73 25.69 6.14
CA TYR B 200 24.72 25.05 7.46
C TYR B 200 25.36 23.67 7.38
N GLY B 201 25.91 23.23 8.50
CA GLY B 201 26.55 21.93 8.63
C GLY B 201 28.02 21.91 8.28
N ASP B 202 28.73 20.95 8.88
CA ASP B 202 30.15 20.72 8.65
C ASP B 202 30.35 19.97 7.34
N VAL B 203 29.38 19.10 6.96
CA VAL B 203 29.42 18.34 5.71
C VAL B 203 28.10 18.57 4.98
N VAL B 204 28.16 18.90 3.68
CA VAL B 204 26.97 19.16 2.88
C VAL B 204 26.95 18.18 1.72
N PHE B 205 25.91 17.36 1.63
CA PHE B 205 25.77 16.42 0.51
C PHE B 205 24.81 17.05 -0.49
N VAL B 206 25.22 17.20 -1.76
CA VAL B 206 24.37 17.73 -2.83
C VAL B 206 24.24 16.60 -3.86
N SER B 207 22.99 16.32 -4.30
CA SER B 207 22.77 15.21 -5.25
C SER B 207 23.13 15.57 -6.67
N LYS B 208 23.40 14.53 -7.48
CA LYS B 208 23.66 14.62 -8.91
C LYS B 208 22.45 15.31 -9.60
N ASP B 209 21.22 14.93 -9.20
CA ASP B 209 19.97 15.49 -9.75
C ASP B 209 19.88 16.99 -9.51
N VAL B 210 20.29 17.47 -8.32
CA VAL B 210 20.30 18.91 -7.98
C VAL B 210 21.35 19.61 -8.81
N ALA B 211 22.57 19.03 -8.85
CA ALA B 211 23.67 19.58 -9.64
C ALA B 211 23.28 19.73 -11.12
N LYS B 212 22.68 18.69 -11.70
CA LYS B 212 22.23 18.69 -13.09
C LYS B 212 21.19 19.77 -13.35
N HIS B 213 20.21 19.93 -12.43
CA HIS B 213 19.18 20.95 -12.54
C HIS B 213 19.74 22.38 -12.50
N LEU B 214 20.89 22.60 -11.83
CA LEU B 214 21.55 23.92 -11.80
C LEU B 214 22.52 24.14 -12.98
N GLY B 215 22.56 23.20 -13.93
CA GLY B 215 23.41 23.31 -15.12
C GLY B 215 24.80 22.72 -15.01
N PHE B 216 25.10 21.98 -13.92
CA PHE B 216 26.43 21.37 -13.75
C PHE B 216 26.41 19.97 -14.35
N GLN B 217 27.37 19.68 -15.25
CA GLN B 217 27.45 18.39 -15.95
C GLN B 217 28.41 17.37 -15.32
N SER B 218 29.00 17.66 -14.16
CA SER B 218 29.90 16.73 -13.47
C SER B 218 29.99 17.08 -11.99
N ALA B 219 30.54 16.17 -11.18
CA ALA B 219 30.70 16.41 -9.74
C ALA B 219 31.71 17.52 -9.50
N GLU B 220 32.75 17.62 -10.35
CA GLU B 220 33.76 18.68 -10.26
C GLU B 220 33.14 20.05 -10.51
N GLU B 221 32.33 20.19 -11.57
CA GLU B 221 31.67 21.47 -11.88
C GLU B 221 30.75 21.87 -10.72
N ALA B 222 29.95 20.92 -10.22
CA ALA B 222 29.01 21.15 -9.13
C ALA B 222 29.71 21.70 -7.90
N LEU B 223 30.79 21.03 -7.46
CA LEU B 223 31.54 21.45 -6.28
C LEU B 223 32.20 22.81 -6.41
N ARG B 224 32.82 23.10 -7.56
CA ARG B 224 33.44 24.41 -7.77
C ARG B 224 32.40 25.52 -7.90
N GLY B 225 31.24 25.19 -8.47
CA GLY B 225 30.15 26.14 -8.66
C GLY B 225 29.30 26.41 -7.43
N LEU B 226 29.23 25.44 -6.50
CA LEU B 226 28.41 25.54 -5.28
C LEU B 226 29.18 25.79 -3.99
N TYR B 227 30.54 25.65 -3.97
CA TYR B 227 31.28 25.86 -2.72
C TYR B 227 31.06 27.23 -2.07
N GLY B 228 30.81 28.27 -2.86
CA GLY B 228 30.53 29.61 -2.35
C GLY B 228 29.34 29.70 -1.42
N ARG B 229 28.39 28.74 -1.53
CA ARG B 229 27.18 28.69 -0.70
C ARG B 229 27.39 28.05 0.69
N VAL B 230 28.45 27.24 0.90
CA VAL B 230 28.67 26.58 2.20
C VAL B 230 29.34 27.52 3.20
N ARG B 231 29.22 27.20 4.51
CA ARG B 231 29.82 28.01 5.56
C ARG B 231 31.31 27.77 5.66
N LYS B 232 32.05 28.74 6.24
CA LYS B 232 33.51 28.69 6.38
C LYS B 232 33.95 27.39 7.07
N GLY B 233 34.85 26.67 6.43
CA GLY B 233 35.38 25.41 6.96
C GLY B 233 34.63 24.14 6.60
N ALA B 234 33.44 24.22 5.97
CA ALA B 234 32.65 23.04 5.62
C ALA B 234 33.17 22.27 4.42
N VAL B 235 32.74 21.01 4.29
CA VAL B 235 33.11 20.11 3.20
C VAL B 235 31.85 19.85 2.35
N LEU B 236 31.91 20.16 1.04
CA LEU B 236 30.78 19.94 0.13
C LEU B 236 31.08 18.64 -0.60
N VAL B 237 30.13 17.70 -0.59
CA VAL B 237 30.28 16.37 -1.19
C VAL B 237 29.26 16.20 -2.32
N CYS B 238 29.70 15.59 -3.45
CA CYS B 238 28.79 15.32 -4.56
C CYS B 238 29.09 13.95 -5.18
N ALA B 239 28.17 13.00 -4.96
CA ALA B 239 28.24 11.65 -5.52
C ALA B 239 27.69 11.70 -6.92
N TRP B 240 28.26 10.88 -7.84
CA TRP B 240 27.84 10.88 -9.23
C TRP B 240 27.80 9.47 -9.83
N ALA B 241 27.02 8.59 -9.19
CA ALA B 241 26.76 7.22 -9.65
C ALA B 241 28.03 6.43 -10.08
N GLU B 242 28.06 5.82 -11.29
CA GLU B 242 29.22 5.09 -11.84
C GLU B 242 30.52 5.93 -11.93
N GLU B 243 30.43 7.28 -11.86
CA GLU B 243 31.60 8.16 -11.86
C GLU B 243 32.14 8.39 -10.43
N GLY B 244 31.62 7.67 -9.43
CA GLY B 244 32.10 7.73 -8.06
C GLY B 244 31.63 8.96 -7.31
N ALA B 245 32.52 9.63 -6.59
CA ALA B 245 32.15 10.82 -5.81
C ALA B 245 33.32 11.74 -5.62
N ASP B 246 33.01 13.03 -5.43
CA ASP B 246 34.00 14.07 -5.18
C ASP B 246 33.67 14.81 -3.89
N ALA B 247 34.67 15.50 -3.35
CA ALA B 247 34.51 16.34 -2.16
C ALA B 247 35.45 17.52 -2.27
N LEU B 248 35.07 18.63 -1.64
CA LEU B 248 35.86 19.86 -1.66
C LEU B 248 35.72 20.55 -0.31
N GLY B 249 36.86 20.84 0.34
CA GLY B 249 36.94 21.48 1.64
C GLY B 249 37.54 22.88 1.59
N PRO B 250 37.78 23.50 2.76
CA PRO B 250 38.33 24.87 2.79
C PRO B 250 39.69 25.07 2.13
N ASP B 251 40.53 24.01 2.03
CA ASP B 251 41.84 24.10 1.36
C ASP B 251 41.74 24.25 -0.18
N GLY B 252 40.55 24.07 -0.75
CA GLY B 252 40.33 24.24 -2.18
C GLY B 252 40.79 23.08 -3.04
N LYS B 253 41.21 21.95 -2.42
CA LYS B 253 41.70 20.79 -3.15
C LYS B 253 40.53 19.86 -3.44
N LEU B 254 40.25 19.62 -4.73
CA LEU B 254 39.19 18.73 -5.14
C LEU B 254 39.62 17.30 -4.86
N LEU B 255 38.85 16.58 -4.05
CA LEU B 255 39.12 15.18 -3.73
C LEU B 255 38.18 14.34 -4.55
N HIS B 256 38.62 13.14 -4.95
CA HIS B 256 37.81 12.24 -5.77
C HIS B 256 38.04 10.79 -5.40
N SER B 257 36.98 9.97 -5.48
CA SER B 257 37.08 8.53 -5.38
C SER B 257 36.35 7.93 -6.58
N ASP B 258 36.96 6.94 -7.20
CA ASP B 258 36.35 6.18 -8.29
C ASP B 258 35.26 5.33 -7.67
N ALA B 259 34.32 4.87 -8.49
CA ALA B 259 33.27 4.00 -8.03
C ALA B 259 33.86 2.58 -7.90
N PHE B 260 33.17 1.72 -7.15
CA PHE B 260 33.52 0.31 -6.96
C PHE B 260 32.34 -0.45 -7.52
N PRO B 261 32.15 -0.44 -8.86
CA PRO B 261 30.96 -1.08 -9.44
C PRO B 261 30.92 -2.57 -9.22
N PRO B 262 29.71 -3.08 -8.89
CA PRO B 262 29.58 -4.49 -8.59
C PRO B 262 29.68 -5.37 -9.84
N PRO B 263 29.85 -6.68 -9.63
CA PRO B 263 29.91 -7.61 -10.78
C PRO B 263 28.71 -7.47 -11.73
N ARG B 264 27.52 -7.25 -11.16
CA ARG B 264 26.30 -6.97 -11.92
C ARG B 264 25.49 -5.98 -11.09
N VAL B 265 24.93 -4.93 -11.70
CA VAL B 265 24.12 -3.94 -10.96
C VAL B 265 22.71 -4.52 -10.82
N VAL B 266 22.28 -4.77 -9.59
CA VAL B 266 20.98 -5.37 -9.27
C VAL B 266 19.95 -4.35 -8.77
N ASP B 267 20.41 -3.33 -8.03
CA ASP B 267 19.49 -2.43 -7.35
C ASP B 267 20.23 -1.21 -6.81
N THR B 268 19.96 -0.03 -7.40
CA THR B 268 20.57 1.24 -6.97
C THR B 268 19.66 2.05 -6.02
N LEU B 269 18.47 1.54 -5.66
CA LEU B 269 17.58 2.31 -4.80
C LEU B 269 18.16 2.34 -3.38
N GLY B 270 18.44 3.55 -2.90
CA GLY B 270 19.07 3.82 -1.61
C GLY B 270 20.58 3.81 -1.67
N ALA B 271 21.19 3.87 -2.89
CA ALA B 271 22.65 3.91 -3.07
C ALA B 271 23.23 5.21 -2.52
N GLY B 272 22.59 6.34 -2.83
CA GLY B 272 22.99 7.64 -2.31
C GLY B 272 22.89 7.70 -0.79
N ASP B 273 21.84 7.10 -0.22
CA ASP B 273 21.66 7.03 1.23
C ASP B 273 22.73 6.14 1.88
N THR B 274 23.15 5.06 1.18
CA THR B 274 24.23 4.18 1.62
C THR B 274 25.56 4.96 1.60
N PHE B 275 25.79 5.73 0.53
CA PHE B 275 26.96 6.57 0.41
C PHE B 275 26.98 7.64 1.52
N ASN B 276 25.84 8.33 1.78
CA ASN B 276 25.78 9.37 2.83
C ASN B 276 26.11 8.81 4.21
N ALA B 277 25.44 7.70 4.60
CA ALA B 277 25.65 7.02 5.88
C ALA B 277 27.12 6.58 6.05
N SER B 278 27.71 6.04 4.98
CA SER B 278 29.08 5.55 4.98
C SER B 278 30.11 6.68 5.09
N VAL B 279 29.86 7.83 4.41
CA VAL B 279 30.74 9.00 4.55
C VAL B 279 30.62 9.52 5.99
N ILE B 280 29.38 9.70 6.50
CA ILE B 280 29.12 10.16 7.88
C ILE B 280 29.84 9.25 8.88
N PHE B 281 29.68 7.92 8.71
CA PHE B 281 30.28 6.93 9.60
C PHE B 281 31.79 7.03 9.61
N SER B 282 32.42 7.05 8.43
CA SER B 282 33.87 7.14 8.31
C SER B 282 34.43 8.42 8.95
N LEU B 283 33.77 9.58 8.72
CA LEU B 283 34.19 10.84 9.32
C LEU B 283 33.98 10.84 10.84
N SER B 284 32.86 10.25 11.33
CA SER B 284 32.62 10.16 12.78
C SER B 284 33.68 9.29 13.48
N GLN B 285 34.30 8.33 12.76
CA GLN B 285 35.36 7.46 13.27
C GLN B 285 36.77 8.13 13.18
N GLY B 286 36.83 9.42 12.82
CA GLY B 286 38.07 10.18 12.74
C GLY B 286 38.85 10.04 11.44
N ARG B 287 38.29 9.34 10.43
CA ARG B 287 39.00 9.16 9.15
C ARG B 287 38.99 10.45 8.35
N SER B 288 39.88 10.54 7.35
CA SER B 288 39.97 11.73 6.50
C SER B 288 38.84 11.78 5.48
N VAL B 289 38.65 12.94 4.84
CA VAL B 289 37.63 13.14 3.81
C VAL B 289 37.93 12.19 2.64
N GLN B 290 39.21 12.10 2.22
CA GLN B 290 39.61 11.21 1.14
C GLN B 290 39.25 9.76 1.45
N GLU B 291 39.57 9.29 2.67
CA GLU B 291 39.25 7.93 3.13
C GLU B 291 37.73 7.72 3.23
N ALA B 292 36.98 8.74 3.69
CA ALA B 292 35.52 8.68 3.80
C ALA B 292 34.82 8.61 2.43
N LEU B 293 35.34 9.31 1.39
CA LEU B 293 34.80 9.25 0.02
C LEU B 293 34.94 7.84 -0.52
N ARG B 294 36.15 7.25 -0.32
CA ARG B 294 36.52 5.91 -0.77
C ARG B 294 35.62 4.87 -0.13
N PHE B 295 35.47 4.93 1.19
CA PHE B 295 34.61 4.03 1.95
C PHE B 295 33.15 4.21 1.49
N GLY B 296 32.72 5.47 1.33
CA GLY B 296 31.40 5.79 0.81
C GLY B 296 31.14 5.09 -0.51
N CYS B 297 32.11 5.16 -1.44
CA CYS B 297 31.99 4.51 -2.76
C CYS B 297 32.07 2.99 -2.64
N GLN B 298 32.89 2.47 -1.73
CA GLN B 298 33.00 1.02 -1.53
C GLN B 298 31.70 0.39 -1.04
N VAL B 299 31.06 0.98 0.00
CA VAL B 299 29.82 0.43 0.56
C VAL B 299 28.64 0.62 -0.41
N ALA B 300 28.49 1.82 -0.98
CA ALA B 300 27.42 2.12 -1.95
C ALA B 300 27.55 1.24 -3.20
N GLY B 301 28.80 0.98 -3.62
CA GLY B 301 29.09 0.15 -4.77
C GLY B 301 28.73 -1.30 -4.52
N LYS B 302 29.06 -1.81 -3.32
CA LYS B 302 28.71 -3.17 -2.92
C LYS B 302 27.16 -3.30 -2.87
N LYS B 303 26.48 -2.29 -2.31
CA LYS B 303 25.01 -2.26 -2.22
C LYS B 303 24.35 -2.36 -3.60
N CYS B 304 24.92 -1.74 -4.62
CA CYS B 304 24.35 -1.74 -5.97
C CYS B 304 24.25 -3.13 -6.61
N GLY B 305 25.08 -4.07 -6.15
CA GLY B 305 25.05 -5.45 -6.63
C GLY B 305 24.21 -6.39 -5.77
N LEU B 306 23.47 -5.85 -4.79
CA LEU B 306 22.62 -6.63 -3.89
C LEU B 306 21.22 -6.04 -3.85
N GLN B 307 20.20 -6.88 -3.62
CA GLN B 307 18.83 -6.37 -3.47
C GLN B 307 18.73 -5.97 -2.00
N GLY B 308 18.29 -4.75 -1.74
CA GLY B 308 18.17 -4.26 -0.38
C GLY B 308 19.51 -3.95 0.28
N PHE B 309 19.54 -3.99 1.63
CA PHE B 309 20.73 -3.68 2.42
C PHE B 309 21.39 -4.90 3.10
N ASP B 310 20.86 -6.13 2.95
CA ASP B 310 21.53 -7.30 3.55
C ASP B 310 22.80 -7.61 2.76
N GLY B 311 23.89 -7.85 3.47
CA GLY B 311 25.17 -8.19 2.85
C GLY B 311 26.07 -7.02 2.49
N ILE B 312 25.64 -5.75 2.74
CA ILE B 312 26.48 -4.59 2.41
C ILE B 312 27.70 -4.53 3.33
N VAL B 313 27.58 -5.05 4.58
CA VAL B 313 28.63 -5.15 5.60
C VAL B 313 29.28 -3.79 5.94
C1 F1X C . -13.22 -5.06 -5.35
O1 F1X C . -14.20 -5.50 -6.29
P1 F1X C . -14.87 -4.79 -7.47
C2 F1X C . -12.56 -6.35 -5.02
O2 F1X C . -13.19 -7.13 -4.07
C3 F1X C . -11.45 -5.71 -4.14
O3 F1X C . -11.91 -5.16 -2.92
C4 F1X C . -10.39 -6.76 -3.88
O4 F1X C . -9.08 -6.23 -4.03
C5 F1X C . -10.80 -7.77 -4.92
O5 F1X C . -11.55 -6.97 -5.80
C6 F1X C . -9.72 -8.45 -5.71
O6 F1X C . -10.25 -9.53 -6.46
O1P F1X C . -14.43 -3.39 -7.48
O2P F1X C . -16.33 -4.80 -7.08
O3P F1X C . -14.60 -5.54 -8.66
H11 F1X C . -12.55 -4.34 -5.81
H12 F1X C . -13.72 -4.62 -4.48
HO2 F1X C . -13.92 -7.64 -4.51
H3 F1X C . -11.01 -4.91 -4.72
HO3 F1X C . -11.59 -4.22 -2.90
H4 F1X C . -10.48 -7.19 -2.87
HO4 F1X C . -8.90 -5.66 -3.25
H5 F1X C . -11.46 -8.52 -4.48
H61 F1X C . -9.31 -7.78 -6.47
H62 F1X C . -8.89 -8.76 -5.08
HO6 F1X C . -9.73 -9.59 -7.30
HO1P F1X C . -14.88 -2.69 -8.03
HO2P F1X C . -16.85 -4.01 -6.76
PB ADP D . -17.44 -2.98 -10.28
O1B ADP D . -17.36 -4.51 -10.53
O2B ADP D . -17.10 -2.60 -8.86
O3B ADP D . -16.52 -2.27 -11.32
PA ADP D . -19.94 -2.94 -11.83
O1A ADP D . -19.97 -4.47 -11.98
O2A ADP D . -19.46 -2.31 -13.08
O3A ADP D . -18.93 -2.56 -10.65
O5' ADP D . -21.39 -2.45 -11.40
C5' ADP D . -22.24 -3.09 -10.42
C4' ADP D . -23.42 -2.19 -10.12
O4' ADP D . -22.94 -1.00 -9.44
C3' ADP D . -24.20 -1.69 -11.32
O3' ADP D . -25.26 -2.58 -11.69
C2' ADP D . -24.76 -0.36 -10.83
O2' ADP D . -25.96 -0.53 -10.09
C1' ADP D . -23.63 0.14 -9.93
N9 ADP D . -22.68 1.03 -10.61
C8 ADP D . -21.39 0.74 -10.96
N7 ADP D . -20.80 1.69 -11.65
C5 ADP D . -21.77 2.67 -11.75
C6 ADP D . -21.76 3.96 -12.32
N6 ADP D . -20.73 4.47 -13.00
N1 ADP D . -22.87 4.72 -12.18
C2 ADP D . -23.93 4.21 -11.53
N3 ADP D . -24.05 3.00 -10.97
C4 ADP D . -22.93 2.28 -11.10
PB ADP E . 21.35 7.78 -6.03
O1B ADP E . 21.29 6.77 -7.21
O2B ADP E . 20.62 9.08 -6.44
O3B ADP E . 20.82 7.17 -4.74
PA ADP E . 24.09 8.16 -6.91
O1A ADP E . 23.64 7.67 -8.23
O2A ADP E . 24.70 9.55 -7.08
O3A ADP E . 22.88 8.23 -5.89
O5' ADP E . 25.17 7.20 -6.23
C5' ADP E . 25.81 7.41 -4.97
C4' ADP E . 27.03 6.53 -4.91
O4' ADP E . 26.62 5.15 -5.08
C3' ADP E . 28.08 6.77 -5.98
O3' ADP E . 29.01 7.79 -5.63
C2' ADP E . 28.76 5.40 -6.09
O2' ADP E . 29.76 5.23 -5.09
C1' ADP E . 27.57 4.45 -5.87
N9 ADP E . 26.93 3.99 -7.11
C8 ADP E . 25.71 4.39 -7.60
N7 ADP E . 25.43 3.89 -8.79
C5 ADP E . 26.52 3.09 -9.07
C6 ADP E . 26.81 2.21 -10.15
N6 ADP E . 26.01 2.07 -11.21
N1 ADP E . 27.95 1.50 -10.09
C2 ADP E . 28.77 1.66 -9.04
N3 ADP E . 28.61 2.45 -7.97
C4 ADP E . 27.45 3.14 -8.04
S SO4 F . 16.32 -5.54 3.00
O1 SO4 F . 15.29 -4.95 2.13
O2 SO4 F . 16.96 -6.67 2.31
O3 SO4 F . 17.32 -4.53 3.30
O4 SO4 F . 15.69 -6.02 4.23
S SO4 G . 9.09 12.93 -1.08
O1 SO4 G . 8.33 11.75 -1.49
O2 SO4 G . 9.17 13.82 -2.24
O3 SO4 G . 8.40 13.61 0.01
O4 SO4 G . 10.43 12.51 -0.64
#